data_4P1N
#
_entry.id   4P1N
#
_cell.length_a   51.995
_cell.length_b   96.622
_cell.length_c   63.330
_cell.angle_alpha   90.00
_cell.angle_beta   93.15
_cell.angle_gamma   90.00
#
_symmetry.space_group_name_H-M   'P 1 21 1'
#
loop_
_entity.id
_entity.type
_entity.pdbx_description
1 polymer 'Atg1 tMIT'
2 polymer 'Atg13 MIM'
3 water water
#
loop_
_entity_poly.entity_id
_entity_poly.type
_entity_poly.pdbx_seq_one_letter_code
_entity_poly.pdbx_strand_id
1 'polypeptide(L)'
;GPHMISDSNITPFVESLSAKAFVMYSFAEMKFSQILPSPPSSTDYYSQSDKRLSNGSCAIDDDDDLDSGNPSSNQTLTPG
ANKVSAANVDNLIPAPELKKLCMESLLLYLKSLTILASSMKLTSKWWYENESKNCTLKLNILVQWIRDRFNECLDKAEFL
RLKLHTLNQSEDPQVLDDEPTIFVEKLIYDRALDISRNAARLEMEGGNYNTCELAYATSLWMLEILLDEHLSSNEVYDDG
YSSNITSLDESDKEMIRKYVSSIANRLKALKSKMS
;
A,B
2 'polypeptide(L)' ETPPEDLLEFVKLLEDKKELNMKPSTILPQQDISSSLIKFQSMKPNNDTLSDNLSMSMSID C,D
#
# COMPACT_ATOMS: atom_id res chain seq x y z
N SER A 6 15.71 16.59 -8.76
CA SER A 6 15.23 15.30 -8.16
C SER A 6 16.36 14.25 -8.14
N ASP A 7 16.77 13.86 -6.93
CA ASP A 7 17.97 13.03 -6.71
C ASP A 7 17.71 11.54 -6.88
N SER A 8 18.76 10.74 -6.70
CA SER A 8 18.65 9.29 -6.86
C SER A 8 17.61 8.71 -5.90
N ASN A 9 17.30 9.42 -4.80
CA ASN A 9 16.17 9.06 -3.96
C ASN A 9 15.15 10.20 -3.87
N ILE A 10 13.98 9.95 -4.48
CA ILE A 10 12.82 10.84 -4.38
C ILE A 10 11.82 10.36 -3.33
N THR A 11 12.13 9.28 -2.65
CA THR A 11 11.25 8.70 -1.67
C THR A 11 10.75 9.72 -0.66
N PRO A 12 11.65 10.48 0.01
CA PRO A 12 11.13 11.48 0.96
C PRO A 12 10.16 12.50 0.37
N PHE A 13 10.39 12.92 -0.87
CA PHE A 13 9.45 13.82 -1.55
C PHE A 13 8.08 13.19 -1.79
N VAL A 14 8.09 11.98 -2.33
CA VAL A 14 6.83 11.29 -2.59
C VAL A 14 6.13 11.05 -1.25
N GLU A 15 6.92 10.84 -0.19
CA GLU A 15 6.39 10.56 1.13
C GLU A 15 5.66 11.77 1.66
N SER A 16 6.25 12.96 1.51
CA SER A 16 5.62 14.19 1.93
C SER A 16 4.34 14.52 1.13
N LEU A 17 4.38 14.32 -0.17
CA LEU A 17 3.19 14.46 -0.99
C LEU A 17 2.09 13.48 -0.58
N SER A 18 2.45 12.24 -0.27
CA SER A 18 1.45 11.24 0.18
C SER A 18 0.77 11.64 1.48
N ALA A 19 1.53 12.20 2.40
CA ALA A 19 0.94 12.72 3.64
C ALA A 19 -0.05 13.87 3.35
N LYS A 20 0.28 14.73 2.40
CA LYS A 20 -0.65 15.78 2.00
C LYS A 20 -1.89 15.24 1.36
N ALA A 21 -1.73 14.32 0.42
CA ALA A 21 -2.87 13.66 -0.19
C ALA A 21 -3.70 12.95 0.88
N PHE A 22 -3.02 12.31 1.83
CA PHE A 22 -3.73 11.57 2.85
C PHE A 22 -4.69 12.43 3.65
N VAL A 23 -4.21 13.58 4.13
CA VAL A 23 -5.03 14.41 4.97
C VAL A 23 -6.11 15.10 4.18
N MET A 24 -5.89 15.32 2.89
CA MET A 24 -6.92 15.89 2.03
C MET A 24 -8.02 14.85 1.79
N TYR A 25 -7.59 13.61 1.52
CA TYR A 25 -8.48 12.48 1.30
C TYR A 25 -9.36 12.20 2.54
N SER A 26 -8.75 12.23 3.73
CA SER A 26 -9.50 11.91 4.96
C SER A 26 -10.52 13.00 5.20
N PHE A 27 -10.17 14.24 4.86
CA PHE A 27 -11.13 15.32 5.05
C PHE A 27 -12.29 15.12 4.05
N ALA A 28 -11.98 14.86 2.80
CA ALA A 28 -13.03 14.55 1.81
C ALA A 28 -13.95 13.40 2.30
N GLU A 29 -13.32 12.35 2.80
CA GLU A 29 -14.04 11.17 3.28
C GLU A 29 -14.98 11.46 4.41
N MET A 30 -14.59 12.33 5.32
CA MET A 30 -15.49 12.64 6.42
C MET A 30 -16.75 13.38 5.95
N LYS A 31 -16.61 14.24 4.92
CA LYS A 31 -17.77 14.86 4.27
C LYS A 31 -18.62 13.81 3.59
N PHE A 32 -17.96 12.93 2.87
CA PHE A 32 -18.61 11.91 2.07
C PHE A 32 -19.47 10.99 2.92
N SER A 33 -18.94 10.61 4.08
CA SER A 33 -19.63 9.68 4.96
C SER A 33 -20.98 10.25 5.47
N GLN A 34 -21.10 11.57 5.54
CA GLN A 34 -22.38 12.21 5.93
C GLN A 34 -23.44 12.05 4.85
N ILE A 35 -23.02 12.08 3.58
CA ILE A 35 -23.90 11.79 2.45
C ILE A 35 -24.45 10.37 2.60
N LEU A 36 -23.57 9.38 2.77
CA LEU A 36 -24.01 7.98 2.95
C LEU A 36 -24.54 7.73 4.37
N ASN A 91 -31.86 8.92 6.04
CA ASN A 91 -33.08 9.44 5.46
C ASN A 91 -33.13 10.97 5.50
N LEU A 92 -33.40 11.51 6.70
CA LEU A 92 -33.69 12.94 6.86
C LEU A 92 -32.47 13.85 6.68
N ILE A 93 -32.33 14.42 5.49
CA ILE A 93 -31.27 15.39 5.17
C ILE A 93 -31.76 16.40 4.11
N PRO A 94 -31.93 17.68 4.49
CA PRO A 94 -32.37 18.76 3.58
C PRO A 94 -31.56 18.85 2.29
N ALA A 95 -32.25 19.09 1.17
CA ALA A 95 -31.63 19.24 -0.15
C ALA A 95 -30.51 20.28 -0.24
N PRO A 96 -30.73 21.50 0.29
CA PRO A 96 -29.69 22.54 0.15
C PRO A 96 -28.42 22.23 0.93
N GLU A 97 -28.56 21.42 1.98
CA GLU A 97 -27.44 21.01 2.79
C GLU A 97 -26.75 19.79 2.15
N LEU A 98 -27.55 18.83 1.69
CA LEU A 98 -27.06 17.71 0.89
C LEU A 98 -26.21 18.22 -0.25
N LYS A 99 -26.62 19.31 -0.87
CA LYS A 99 -25.94 19.86 -2.04
C LYS A 99 -24.60 20.47 -1.67
N LYS A 100 -24.61 21.32 -0.66
CA LYS A 100 -23.41 21.95 -0.17
C LYS A 100 -22.37 20.91 0.27
N LEU A 101 -22.79 19.94 1.07
CA LEU A 101 -21.92 18.85 1.47
C LEU A 101 -21.35 18.15 0.23
N CYS A 102 -22.18 17.95 -0.79
CA CYS A 102 -21.73 17.24 -1.99
C CYS A 102 -20.65 18.03 -2.71
N MET A 103 -20.79 19.35 -2.74
CA MET A 103 -19.81 20.18 -3.41
C MET A 103 -18.51 20.18 -2.67
N GLU A 104 -18.61 20.36 -1.36
CA GLU A 104 -17.45 20.41 -0.49
C GLU A 104 -16.66 19.10 -0.59
N SER A 105 -17.37 17.99 -0.55
CA SER A 105 -16.72 16.71 -0.68
C SER A 105 -16.03 16.56 -2.05
N LEU A 106 -16.70 16.99 -3.11
CA LEU A 106 -16.16 16.96 -4.46
C LEU A 106 -14.87 17.75 -4.59
N LEU A 107 -14.90 19.01 -4.15
CA LEU A 107 -13.70 19.85 -4.22
C LEU A 107 -12.51 19.27 -3.44
N LEU A 108 -12.78 18.58 -2.35
CA LEU A 108 -11.74 17.97 -1.55
C LEU A 108 -11.19 16.73 -2.24
N TYR A 109 -12.04 15.91 -2.86
CA TYR A 109 -11.48 14.81 -3.68
C TYR A 109 -10.63 15.34 -4.84
N LEU A 110 -11.07 16.40 -5.47
CA LEU A 110 -10.33 16.99 -6.59
C LEU A 110 -8.99 17.53 -6.16
N LYS A 111 -8.96 18.17 -5.00
CA LYS A 111 -7.72 18.61 -4.43
C LYS A 111 -6.83 17.40 -4.11
N SER A 112 -7.39 16.37 -3.45
CA SER A 112 -6.64 15.15 -3.24
C SER A 112 -6.06 14.66 -4.59
N LEU A 113 -6.90 14.63 -5.63
CA LEU A 113 -6.48 14.13 -6.94
C LEU A 113 -5.34 14.94 -7.54
N THR A 114 -5.36 16.25 -7.32
CA THR A 114 -4.28 17.12 -7.76
C THR A 114 -2.95 16.75 -7.06
N ILE A 115 -2.99 16.49 -5.77
CA ILE A 115 -1.79 16.19 -5.02
C ILE A 115 -1.32 14.80 -5.46
N LEU A 116 -2.24 13.85 -5.62
CA LEU A 116 -1.83 12.50 -6.07
C LEU A 116 -1.19 12.56 -7.46
N ALA A 117 -1.81 13.31 -8.37
CA ALA A 117 -1.29 13.44 -9.73
C ALA A 117 0.13 14.04 -9.76
N SER A 118 0.35 15.08 -8.98
CA SER A 118 1.67 15.68 -8.86
C SER A 118 2.73 14.70 -8.39
N SER A 119 2.33 13.75 -7.55
CA SER A 119 3.24 12.71 -7.06
C SER A 119 3.67 11.82 -8.18
N MET A 120 2.71 11.44 -8.98
CA MET A 120 2.98 10.58 -10.09
C MET A 120 3.83 11.36 -11.11
N LYS A 121 3.50 12.64 -11.29
CA LYS A 121 4.21 13.44 -12.27
C LYS A 121 5.69 13.49 -11.88
N LEU A 122 5.94 13.78 -10.60
CA LEU A 122 7.31 13.81 -10.09
C LEU A 122 8.01 12.46 -10.26
N THR A 123 7.34 11.37 -9.89
CA THR A 123 7.96 10.06 -9.90
C THR A 123 8.25 9.63 -11.33
N SER A 124 7.35 9.95 -12.25
CA SER A 124 7.52 9.61 -13.66
C SER A 124 8.67 10.37 -14.32
N LYS A 125 8.75 11.67 -14.04
CA LYS A 125 9.85 12.47 -14.50
C LYS A 125 11.17 11.87 -13.98
N TRP A 126 11.22 11.61 -12.68
CA TRP A 126 12.42 11.00 -12.04
C TRP A 126 12.76 9.68 -12.70
N TRP A 127 11.77 8.84 -12.94
CA TRP A 127 12.03 7.52 -13.50
C TRP A 127 12.61 7.58 -14.90
N TYR A 128 12.05 8.47 -15.75
CA TYR A 128 12.56 8.61 -17.11
C TYR A 128 13.90 9.34 -17.16
N GLU A 129 14.21 10.19 -16.20
CA GLU A 129 15.48 10.95 -16.24
C GLU A 129 16.64 10.24 -15.54
N ASN A 130 16.40 9.60 -14.40
CA ASN A 130 17.49 8.96 -13.67
C ASN A 130 17.96 7.67 -14.38
N GLU A 131 19.25 7.57 -14.66
CA GLU A 131 19.77 6.43 -15.46
C GLU A 131 19.78 5.07 -14.75
N SER A 132 19.94 5.07 -13.42
CA SER A 132 19.86 3.85 -12.59
C SER A 132 18.71 2.90 -12.93
N LYS A 133 17.48 3.41 -12.86
CA LYS A 133 16.28 2.58 -12.77
C LYS A 133 16.27 1.79 -11.43
N ASN A 134 16.80 2.40 -10.37
CA ASN A 134 16.83 1.77 -9.05
C ASN A 134 15.73 2.33 -8.14
N CYS A 135 14.78 1.46 -7.81
CA CYS A 135 13.65 1.85 -7.02
C CYS A 135 13.69 1.12 -5.70
N THR A 136 13.25 1.77 -4.64
CA THR A 136 13.13 1.11 -3.36
C THR A 136 11.77 0.41 -3.28
N LEU A 137 11.74 -0.60 -2.45
CA LEU A 137 10.51 -1.23 -2.05
C LEU A 137 9.51 -0.16 -1.59
N LYS A 138 9.97 0.72 -0.73
CA LYS A 138 9.14 1.79 -0.21
C LYS A 138 8.47 2.67 -1.24
N LEU A 139 9.22 3.11 -2.22
CA LEU A 139 8.68 3.94 -3.25
C LEU A 139 7.65 3.19 -4.06
N ASN A 140 7.93 1.91 -4.35
CA ASN A 140 6.94 1.05 -5.00
C ASN A 140 5.66 0.97 -4.22
N ILE A 141 5.77 0.74 -2.92
CA ILE A 141 4.58 0.67 -2.09
C ILE A 141 3.80 1.96 -2.10
N LEU A 142 4.48 3.07 -1.90
CA LEU A 142 3.79 4.36 -1.94
C LEU A 142 3.17 4.66 -3.27
N VAL A 143 3.85 4.30 -4.34
CA VAL A 143 3.27 4.53 -5.65
C VAL A 143 2.05 3.64 -5.85
N GLN A 144 2.10 2.40 -5.39
CA GLN A 144 0.84 1.59 -5.40
C GLN A 144 -0.26 2.25 -4.57
N TRP A 145 0.03 2.78 -3.42
CA TRP A 145 -1.00 3.45 -2.60
C TRP A 145 -1.58 4.72 -3.32
N ILE A 146 -0.71 5.45 -3.97
CA ILE A 146 -1.09 6.61 -4.74
C ILE A 146 -2.06 6.25 -5.83
N ARG A 147 -1.69 5.24 -6.62
CA ARG A 147 -2.57 4.77 -7.69
C ARG A 147 -3.90 4.32 -7.12
N ASP A 148 -3.90 3.56 -6.03
CA ASP A 148 -5.16 3.04 -5.44
C ASP A 148 -6.02 4.22 -5.02
N ARG A 149 -5.38 5.18 -4.39
CA ARG A 149 -6.11 6.31 -3.83
C ARG A 149 -6.62 7.19 -4.96
N PHE A 150 -5.85 7.29 -6.05
CA PHE A 150 -6.28 8.10 -7.20
C PHE A 150 -7.53 7.49 -7.81
N ASN A 151 -7.53 6.17 -7.97
CA ASN A 151 -8.73 5.47 -8.47
C ASN A 151 -9.96 5.68 -7.59
N GLU A 152 -9.77 5.56 -6.28
CA GLU A 152 -10.83 5.75 -5.31
C GLU A 152 -11.40 7.17 -5.33
N CYS A 153 -10.54 8.17 -5.21
CA CYS A 153 -10.93 9.59 -5.28
C CYS A 153 -11.67 9.93 -6.56
N LEU A 154 -11.17 9.41 -7.68
CA LEU A 154 -11.77 9.67 -8.98
C LEU A 154 -13.17 9.05 -9.11
N ASP A 155 -13.31 7.80 -8.68
CA ASP A 155 -14.64 7.19 -8.63
C ASP A 155 -15.62 8.00 -7.75
N LYS A 156 -15.15 8.42 -6.57
CA LYS A 156 -16.03 9.15 -5.67
C LYS A 156 -16.40 10.55 -6.20
N ALA A 157 -15.42 11.25 -6.78
CA ALA A 157 -15.65 12.54 -7.43
C ALA A 157 -16.64 12.43 -8.60
N GLU A 158 -16.56 11.34 -9.37
CA GLU A 158 -17.51 11.11 -10.45
C GLU A 158 -18.88 10.92 -9.85
N PHE A 159 -18.97 10.11 -8.82
CA PHE A 159 -20.24 9.84 -8.16
C PHE A 159 -20.86 11.14 -7.62
N LEU A 160 -20.03 11.99 -7.01
CA LEU A 160 -20.51 13.28 -6.52
C LEU A 160 -20.92 14.23 -7.65
N ARG A 161 -20.12 14.35 -8.72
CA ARG A 161 -20.54 15.12 -9.90
C ARG A 161 -21.92 14.69 -10.38
N LEU A 162 -22.12 13.38 -10.51
CA LEU A 162 -23.38 12.84 -10.95
C LEU A 162 -24.55 13.22 -10.03
N LYS A 163 -24.38 12.98 -8.74
CA LYS A 163 -25.41 13.26 -7.74
C LYS A 163 -25.78 14.75 -7.70
N LEU A 164 -24.77 15.60 -7.86
CA LEU A 164 -24.95 17.04 -7.99
C LEU A 164 -25.80 17.40 -9.21
N HIS A 165 -25.50 16.77 -10.34
CA HIS A 165 -26.21 17.03 -11.57
C HIS A 165 -27.66 16.61 -11.39
N THR A 166 -27.86 15.42 -10.82
CA THR A 166 -29.21 14.96 -10.56
C THR A 166 -29.98 15.92 -9.68
N LEU A 167 -29.37 16.40 -8.60
CA LEU A 167 -30.07 17.28 -7.66
C LEU A 167 -30.48 18.56 -8.34
N ASN A 168 -29.57 19.10 -9.14
CA ASN A 168 -29.81 20.34 -9.88
C ASN A 168 -31.02 20.24 -10.85
N GLN A 169 -31.27 19.04 -11.38
CA GLN A 169 -32.40 18.81 -12.28
C GLN A 169 -33.75 18.66 -11.55
N SER A 170 -33.77 18.99 -10.26
CA SER A 170 -35.00 18.98 -9.48
C SER A 170 -35.32 20.38 -8.98
N GLU A 171 -34.77 21.40 -9.66
CA GLU A 171 -34.82 22.82 -9.28
C GLU A 171 -34.90 23.61 -10.59
N ASP A 172 -34.88 24.97 -10.57
CA ASP A 172 -34.69 25.79 -11.82
C ASP A 172 -34.45 27.36 -11.74
N PRO A 173 -33.23 27.88 -12.04
CA PRO A 173 -32.80 29.11 -11.35
C PRO A 173 -32.84 30.44 -12.10
N GLN A 174 -33.40 31.44 -11.44
CA GLN A 174 -33.32 32.84 -11.89
C GLN A 174 -32.13 33.52 -11.22
N VAL A 175 -31.47 32.82 -10.31
CA VAL A 175 -30.18 33.26 -9.78
C VAL A 175 -29.10 32.26 -10.16
N LEU A 176 -28.87 32.13 -11.46
CA LEU A 176 -27.54 31.68 -11.93
C LEU A 176 -26.71 32.93 -12.24
N ASP A 177 -27.17 34.06 -11.70
CA ASP A 177 -26.30 35.16 -11.35
C ASP A 177 -25.51 34.75 -10.09
N ASP A 178 -26.11 33.92 -9.26
CA ASP A 178 -25.45 33.33 -8.08
C ASP A 178 -24.51 32.21 -8.51
N PRO A 180 -23.65 30.69 -4.72
CA PRO A 180 -22.42 31.27 -4.18
C PRO A 180 -21.22 30.32 -4.32
N THR A 181 -20.02 30.86 -4.19
CA THR A 181 -18.83 30.03 -4.34
C THR A 181 -18.50 29.29 -3.04
N ILE A 182 -18.05 28.04 -3.23
CA ILE A 182 -17.39 27.28 -2.19
C ILE A 182 -15.91 27.37 -2.52
N PHE A 183 -15.11 27.85 -1.59
CA PHE A 183 -13.68 27.89 -1.81
C PHE A 183 -13.03 26.73 -1.07
N VAL A 184 -12.37 25.86 -1.84
CA VAL A 184 -11.71 24.73 -1.24
C VAL A 184 -10.72 25.23 -0.18
N GLU A 185 -9.98 26.31 -0.44
CA GLU A 185 -8.98 26.81 0.52
C GLU A 185 -9.56 27.20 1.88
N LYS A 186 -10.77 27.74 1.87
CA LYS A 186 -11.44 28.08 3.12
C LYS A 186 -11.85 26.82 3.86
N LEU A 187 -12.30 25.84 3.10
CA LEU A 187 -12.62 24.56 3.66
C LEU A 187 -11.41 24.02 4.40
N ILE A 188 -10.26 24.00 3.73
CA ILE A 188 -9.01 23.47 4.30
C ILE A 188 -8.55 24.27 5.54
N TYR A 189 -8.52 25.60 5.40
CA TYR A 189 -8.13 26.50 6.48
C TYR A 189 -8.97 26.35 7.77
N ASP A 190 -10.29 26.36 7.63
CA ASP A 190 -11.18 26.23 8.78
C ASP A 190 -11.08 24.89 9.47
N ARG A 191 -11.11 23.83 8.66
CA ARG A 191 -11.03 22.49 9.20
C ARG A 191 -9.72 22.34 9.97
N ALA A 192 -8.63 22.87 9.43
CA ALA A 192 -7.32 22.68 10.04
C ALA A 192 -7.29 23.20 11.48
N LEU A 193 -8.01 24.30 11.71
CA LEU A 193 -8.03 24.92 13.02
C LEU A 193 -9.05 24.27 13.93
N ASP A 194 -10.16 23.79 13.36
CA ASP A 194 -11.12 22.96 14.11
C ASP A 194 -10.45 21.70 14.70
N ILE A 195 -9.51 21.12 13.94
CA ILE A 195 -8.74 19.97 14.40
C ILE A 195 -7.87 20.33 15.59
N SER A 196 -7.08 21.39 15.44
CA SER A 196 -6.15 21.84 16.46
C SER A 196 -6.90 22.27 17.77
N ARG A 197 -8.00 22.99 17.60
CA ARG A 197 -8.81 23.44 18.72
C ARG A 197 -9.49 22.28 19.44
N ASN A 198 -9.93 21.28 18.67
CA ASN A 198 -10.53 20.09 19.27
C ASN A 198 -9.51 19.37 20.14
N ALA A 199 -8.29 19.30 19.61
CA ALA A 199 -7.14 18.71 20.31
C ALA A 199 -6.73 19.48 21.56
N ALA A 200 -6.64 20.80 21.48
CA ALA A 200 -6.24 21.61 22.66
C ALA A 200 -7.23 21.41 23.81
N ARG A 201 -8.51 21.40 23.46
CA ARG A 201 -9.61 21.14 24.40
C ARG A 201 -9.61 19.67 24.89
N LEU A 202 -9.24 18.74 24.01
CA LEU A 202 -9.06 17.34 24.42
C LEU A 202 -7.85 17.21 25.36
N GLU A 203 -6.77 17.92 25.03
CA GLU A 203 -5.58 18.03 25.89
C GLU A 203 -5.97 18.49 27.31
N MET A 204 -6.85 19.47 27.38
CA MET A 204 -7.39 19.96 28.66
C MET A 204 -8.23 18.89 29.39
N GLU A 205 -8.84 17.98 28.64
CA GLU A 205 -9.61 16.87 29.24
C GLU A 205 -8.76 15.73 29.84
N GLY A 206 -7.45 15.71 29.56
CA GLY A 206 -6.57 14.68 30.11
C GLY A 206 -5.26 14.51 29.36
N ASN A 208 -5.16 12.30 26.80
CA ASN A 208 -5.05 11.76 25.46
C ASN A 208 -3.87 12.39 24.71
N TYR A 209 -2.66 12.13 25.20
CA TYR A 209 -1.46 12.84 24.75
C TYR A 209 -1.12 12.57 23.28
N ASN A 210 -1.19 11.32 22.86
CA ASN A 210 -0.86 10.96 21.48
C ASN A 210 -1.83 11.44 20.39
N THR A 211 -3.13 11.42 20.70
CA THR A 211 -4.17 11.90 19.78
C THR A 211 -4.00 13.40 19.49
N CYS A 212 -3.55 14.13 20.50
CA CYS A 212 -3.23 15.54 20.35
C CYS A 212 -2.02 15.74 19.40
N GLU A 213 -1.04 14.85 19.45
CA GLU A 213 0.06 14.84 18.48
C GLU A 213 -0.41 14.74 17.03
N LEU A 214 -1.17 13.69 16.72
CA LEU A 214 -1.56 13.39 15.34
C LEU A 214 -2.52 14.45 14.83
N ALA A 215 -3.57 14.71 15.60
CA ALA A 215 -4.45 15.82 15.33
C ALA A 215 -3.59 17.01 14.95
N TYR A 216 -2.65 17.37 15.82
CA TYR A 216 -1.88 18.57 15.59
C TYR A 216 -1.17 18.44 14.27
N ALA A 217 -0.49 17.31 14.05
CA ALA A 217 0.24 17.01 12.78
C ALA A 217 -0.57 17.24 11.51
N THR A 218 -1.80 16.78 11.53
CA THR A 218 -2.69 16.86 10.38
C THR A 218 -3.01 18.31 10.01
N SER A 219 -3.16 19.14 11.02
CA SER A 219 -3.41 20.56 10.83
C SER A 219 -2.30 21.25 9.99
N LEU A 220 -1.05 20.86 10.16
CA LEU A 220 0.05 21.58 9.50
C LEU A 220 0.30 21.16 8.07
N TRP A 221 0.16 19.87 7.81
CA TRP A 221 0.15 19.38 6.41
C TRP A 221 -0.87 20.19 5.59
N MET A 222 -2.01 20.47 6.21
CA MET A 222 -3.13 21.12 5.53
C MET A 222 -2.79 22.53 5.17
N LEU A 223 -2.24 23.26 6.13
CA LEU A 223 -1.85 24.64 5.87
C LEU A 223 -0.70 24.70 4.87
N GLU A 224 0.14 23.67 4.87
CA GLU A 224 1.27 23.66 3.95
C GLU A 224 0.81 23.52 2.51
N ILE A 225 -0.22 22.72 2.30
CA ILE A 225 -0.85 22.60 0.98
C ILE A 225 -1.29 23.98 0.49
N LEU A 226 -1.84 24.79 1.38
CA LEU A 226 -2.30 26.12 0.98
C LEU A 226 -1.12 26.95 0.44
N LEU A 227 0.01 26.93 1.13
CA LEU A 227 1.21 27.67 0.69
C LEU A 227 1.97 27.04 -0.49
N ASP A 228 1.56 25.88 -0.96
CA ASP A 228 2.30 25.17 -2.02
C ASP A 228 1.86 25.65 -3.41
N GLU A 229 2.82 26.08 -4.23
CA GLU A 229 2.53 26.68 -5.55
C GLU A 229 2.28 25.67 -6.68
N HIS A 230 2.70 24.42 -6.48
CA HIS A 230 2.47 23.35 -7.46
C HIS A 230 1.08 22.72 -7.35
N LEU A 231 0.34 23.06 -6.30
CA LEU A 231 -0.90 22.37 -5.97
C LEU A 231 -2.16 23.25 -6.04
N SER A 232 -1.98 24.55 -6.31
CA SER A 232 -3.10 25.50 -6.35
C SER A 232 -3.98 25.35 -7.60
N ASP A 249 -3.91 37.99 -1.84
CA ASP A 249 -3.76 36.77 -1.06
C ASP A 249 -2.50 36.77 -0.20
N GLU A 250 -1.69 37.83 -0.31
CA GLU A 250 -0.43 37.91 0.43
C GLU A 250 -0.70 38.07 1.93
N SER A 251 -1.73 38.85 2.26
CA SER A 251 -2.19 39.01 3.64
C SER A 251 -2.62 37.66 4.23
N ASP A 252 -3.23 36.84 3.39
CA ASP A 252 -3.68 35.54 3.79
C ASP A 252 -2.49 34.57 3.92
N LYS A 253 -1.66 34.54 2.88
CA LYS A 253 -0.46 33.69 2.87
C LYS A 253 0.42 34.02 4.07
N GLU A 254 0.59 35.31 4.36
CA GLU A 254 1.27 35.77 5.58
C GLU A 254 0.63 35.21 6.86
N MET A 255 -0.69 35.40 6.95
CA MET A 255 -1.48 34.85 8.06
C MET A 255 -1.19 33.34 8.22
N ILE A 256 -1.13 32.64 7.10
CA ILE A 256 -0.82 31.21 7.11
C ILE A 256 0.66 31.00 7.40
N ARG A 257 1.52 31.73 6.69
CA ARG A 257 2.98 31.63 6.87
C ARG A 257 3.39 31.69 8.33
N LYS A 258 2.60 32.38 9.14
CA LYS A 258 2.80 32.45 10.60
C LYS A 258 2.03 31.37 11.37
N TYR A 259 0.92 30.89 10.82
CA TYR A 259 0.04 29.95 11.53
C TYR A 259 0.64 28.58 11.82
N VAL A 260 1.55 28.11 10.97
CA VAL A 260 2.15 26.79 11.17
C VAL A 260 2.91 26.75 12.50
N SER A 261 3.47 27.90 12.85
CA SER A 261 4.42 28.01 13.96
C SER A 261 3.79 27.76 15.32
N SER A 262 2.65 28.36 15.59
CA SER A 262 1.95 28.13 16.87
C SER A 262 1.55 26.66 17.04
N ILE A 263 1.04 26.08 15.95
CA ILE A 263 0.72 24.66 15.87
C ILE A 263 1.95 23.76 16.02
N ALA A 264 3.06 24.16 15.38
CA ALA A 264 4.34 23.47 15.51
C ALA A 264 4.93 23.64 16.94
N ASN A 265 4.80 24.83 17.51
CA ASN A 265 5.18 25.07 18.89
C ASN A 265 4.42 24.12 19.82
N ARG A 266 3.09 24.12 19.70
CA ARG A 266 2.24 23.23 20.51
C ARG A 266 2.69 21.77 20.36
N LEU A 267 2.68 21.27 19.13
CA LEU A 267 3.16 19.91 18.84
C LEU A 267 4.68 19.88 18.87
N ASP B 7 4.47 0.44 20.90
CA ASP B 7 3.58 1.56 20.49
C ASP B 7 4.11 2.26 19.25
N SER B 8 5.34 2.75 19.33
CA SER B 8 6.04 3.33 18.19
C SER B 8 6.88 2.24 17.51
N ASN B 9 6.86 1.04 18.11
CA ASN B 9 7.54 -0.14 17.56
C ASN B 9 6.65 -1.03 16.66
N ILE B 10 5.32 -0.84 16.70
CA ILE B 10 4.47 -1.63 15.83
C ILE B 10 4.66 -1.26 14.35
N THR B 11 4.96 0.00 14.07
CA THR B 11 5.12 0.43 12.69
C THR B 11 6.26 -0.30 11.97
N PRO B 12 7.44 -0.42 12.59
CA PRO B 12 8.51 -1.17 11.94
C PRO B 12 8.18 -2.64 11.78
N PHE B 13 7.37 -3.22 12.67
CA PHE B 13 6.92 -4.60 12.50
C PHE B 13 6.00 -4.72 11.28
N VAL B 14 5.14 -3.73 11.10
CA VAL B 14 4.24 -3.69 9.99
C VAL B 14 5.01 -3.40 8.69
N GLU B 15 6.02 -2.53 8.73
CA GLU B 15 6.85 -2.28 7.54
C GLU B 15 7.55 -3.55 7.06
N SER B 16 8.10 -4.30 8.02
CA SER B 16 8.76 -5.58 7.79
C SER B 16 7.81 -6.64 7.16
N LEU B 17 6.59 -6.75 7.66
CA LEU B 17 5.61 -7.62 7.04
C LEU B 17 5.23 -7.15 5.68
N SER B 18 5.17 -5.85 5.47
CA SER B 18 4.77 -5.26 4.17
C SER B 18 5.84 -5.48 3.13
N ALA B 19 7.09 -5.48 3.55
CA ALA B 19 8.17 -5.87 2.66
C ALA B 19 8.05 -7.31 2.16
N LYS B 20 7.76 -8.18 3.10
CA LYS B 20 7.47 -9.57 2.78
C LYS B 20 6.25 -9.77 1.89
N ALA B 21 5.16 -9.06 2.18
CA ALA B 21 3.95 -9.15 1.34
C ALA B 21 4.28 -8.65 -0.05
N PHE B 22 5.02 -7.56 -0.12
CA PHE B 22 5.34 -6.97 -1.42
C PHE B 22 6.12 -7.93 -2.31
N VAL B 23 7.15 -8.55 -1.74
CA VAL B 23 8.00 -9.44 -2.49
C VAL B 23 7.23 -10.68 -2.98
N MET B 24 6.32 -11.17 -2.16
CA MET B 24 5.52 -12.31 -2.52
C MET B 24 4.45 -11.90 -3.57
N TYR B 25 3.83 -10.76 -3.37
CA TYR B 25 2.86 -10.26 -4.30
C TYR B 25 3.50 -10.08 -5.67
N SER B 26 4.69 -9.47 -5.71
CA SER B 26 5.36 -9.21 -7.01
C SER B 26 5.71 -10.55 -7.71
N PHE B 27 6.04 -11.58 -6.93
CA PHE B 27 6.30 -12.92 -7.49
C PHE B 27 5.01 -13.46 -8.04
N ALA B 28 3.93 -13.45 -7.27
CA ALA B 28 2.62 -13.84 -7.80
C ALA B 28 2.24 -13.11 -9.09
N GLU B 29 2.47 -11.82 -9.12
CA GLU B 29 2.16 -11.02 -10.32
C GLU B 29 2.99 -11.35 -11.54
N MET B 30 4.25 -11.72 -11.32
CA MET B 30 5.09 -12.17 -12.41
C MET B 30 4.56 -13.52 -13.01
N LYS B 31 3.99 -14.40 -12.18
CA LYS B 31 3.39 -15.62 -12.70
C LYS B 31 2.05 -15.29 -13.34
N PHE B 32 1.26 -14.44 -12.67
CA PHE B 32 -0.05 -14.05 -13.15
C PHE B 32 0.05 -13.42 -14.55
N SER B 33 0.99 -12.52 -14.73
CA SER B 33 1.21 -11.86 -16.04
C SER B 33 1.37 -12.80 -17.22
N GLN B 34 2.11 -13.90 -17.02
CA GLN B 34 2.31 -14.90 -18.10
C GLN B 34 1.03 -15.64 -18.45
N ILE B 35 -0.05 -15.35 -17.73
CA ILE B 35 -1.37 -15.91 -17.98
C ILE B 35 -2.24 -14.94 -18.78
N LEU B 36 -1.95 -13.64 -18.70
CA LEU B 36 -2.67 -12.63 -19.48
C LEU B 36 -1.95 -12.30 -20.78
N ILE B 93 -1.03 -21.09 -25.77
CA ILE B 93 -1.38 -21.29 -24.36
C ILE B 93 -1.56 -22.78 -24.02
N PRO B 94 -0.45 -23.56 -24.04
CA PRO B 94 -0.60 -25.02 -23.90
C PRO B 94 -1.27 -25.39 -22.59
N ALA B 95 -2.10 -26.42 -22.61
CA ALA B 95 -2.87 -26.83 -21.43
C ALA B 95 -2.03 -27.18 -20.19
N PRO B 96 -0.91 -27.89 -20.37
CA PRO B 96 -0.08 -28.26 -19.20
C PRO B 96 0.64 -27.07 -18.54
N GLU B 97 1.12 -26.15 -19.37
CA GLU B 97 1.90 -25.03 -18.89
C GLU B 97 0.98 -24.04 -18.21
N LEU B 98 -0.18 -23.81 -18.82
CA LEU B 98 -1.19 -22.93 -18.25
C LEU B 98 -1.62 -23.40 -16.87
N LYS B 99 -1.95 -24.69 -16.76
CA LYS B 99 -2.36 -25.22 -15.45
C LYS B 99 -1.25 -25.03 -14.40
N LYS B 100 0.00 -25.19 -14.81
CA LYS B 100 1.12 -25.03 -13.91
C LYS B 100 1.26 -23.56 -13.44
N LEU B 101 1.18 -22.63 -14.38
CA LEU B 101 1.23 -21.24 -14.08
C LEU B 101 0.07 -20.79 -13.18
N CYS B 102 -1.13 -21.30 -13.45
CA CYS B 102 -2.31 -20.94 -12.69
C CYS B 102 -2.17 -21.40 -11.22
N MET B 103 -1.77 -22.65 -11.03
CA MET B 103 -1.50 -23.16 -9.71
C MET B 103 -0.42 -22.36 -8.97
N GLU B 104 0.69 -22.13 -9.64
CA GLU B 104 1.83 -21.41 -9.08
C GLU B 104 1.41 -20.02 -8.65
N SER B 105 0.71 -19.32 -9.52
CA SER B 105 0.24 -17.98 -9.22
C SER B 105 -0.74 -18.00 -8.03
N LEU B 106 -1.67 -18.92 -8.02
CA LEU B 106 -2.63 -19.02 -6.94
C LEU B 106 -1.95 -19.20 -5.62
N LEU B 107 -1.07 -20.19 -5.53
CA LEU B 107 -0.35 -20.48 -4.31
C LEU B 107 0.43 -19.26 -3.78
N LEU B 108 1.05 -18.50 -4.69
CA LEU B 108 1.76 -17.27 -4.32
C LEU B 108 0.82 -16.19 -3.88
N TYR B 109 -0.37 -16.08 -4.47
CA TYR B 109 -1.34 -15.15 -3.95
C TYR B 109 -1.80 -15.61 -2.55
N LEU B 110 -1.94 -16.90 -2.32
CA LEU B 110 -2.42 -17.35 -1.00
C LEU B 110 -1.36 -17.09 0.06
N LYS B 111 -0.08 -17.22 -0.27
CA LYS B 111 0.94 -16.87 0.65
C LYS B 111 0.96 -15.37 0.91
N SER B 112 0.80 -14.57 -0.14
CA SER B 112 0.63 -13.12 0.05
C SER B 112 -0.47 -12.77 1.03
N LEU B 113 -1.60 -13.39 0.85
CA LEU B 113 -2.71 -13.20 1.76
C LEU B 113 -2.41 -13.57 3.22
N THR B 114 -1.57 -14.57 3.44
CA THR B 114 -1.21 -14.99 4.80
C THR B 114 -0.37 -13.87 5.44
N ILE B 115 0.53 -13.33 4.68
CA ILE B 115 1.38 -12.24 5.19
C ILE B 115 0.56 -10.98 5.44
N LEU B 116 -0.30 -10.63 4.49
CA LEU B 116 -1.14 -9.46 4.63
C LEU B 116 -2.06 -9.63 5.87
N ALA B 117 -2.71 -10.78 6.00
CA ALA B 117 -3.60 -11.07 7.14
C ALA B 117 -2.89 -10.95 8.47
N SER B 118 -1.68 -11.46 8.49
CA SER B 118 -0.86 -11.43 9.69
C SER B 118 -0.60 -9.98 10.12
N SER B 119 -0.31 -9.13 9.13
CA SER B 119 -0.21 -7.68 9.30
C SER B 119 -1.43 -7.01 9.93
N MET B 120 -2.60 -7.32 9.41
CA MET B 120 -3.84 -6.72 9.93
C MET B 120 -4.10 -7.17 11.38
N LYS B 121 -3.88 -8.45 11.64
CA LYS B 121 -4.04 -9.03 12.98
C LYS B 121 -3.15 -8.36 14.02
N LEU B 122 -1.87 -8.24 13.69
CA LEU B 122 -0.90 -7.59 14.55
C LEU B 122 -1.32 -6.17 14.85
N THR B 123 -1.72 -5.45 13.81
CA THR B 123 -2.18 -4.09 13.94
C THR B 123 -3.47 -4.04 14.73
N SER B 124 -4.34 -4.98 14.44
CA SER B 124 -5.66 -5.06 15.08
C SER B 124 -5.48 -5.30 16.57
N LYS B 125 -4.64 -6.25 16.91
CA LYS B 125 -4.33 -6.55 18.30
C LYS B 125 -3.73 -5.33 19.01
N TRP B 126 -2.79 -4.66 18.36
CA TRP B 126 -2.11 -3.50 18.94
C TRP B 126 -3.10 -2.35 19.16
N TRP B 127 -3.95 -2.14 18.17
CA TRP B 127 -4.97 -1.10 18.24
C TRP B 127 -5.90 -1.26 19.47
N TYR B 128 -6.38 -2.47 19.73
CA TYR B 128 -7.35 -2.69 20.82
C TYR B 128 -6.74 -2.87 22.22
N GLU B 129 -5.49 -3.32 22.32
CA GLU B 129 -4.79 -3.38 23.61
C GLU B 129 -4.26 -2.01 24.01
N ASN B 130 -3.22 -1.55 23.31
CA ASN B 130 -2.58 -0.28 23.65
C ASN B 130 -3.56 0.89 23.59
N CYS B 135 -2.29 6.44 16.20
CA CYS B 135 -1.93 5.88 14.90
C CYS B 135 -1.21 6.87 13.96
N THR B 136 0.07 6.61 13.71
CA THR B 136 0.90 7.44 12.83
C THR B 136 0.32 7.57 11.40
N LEU B 137 0.69 8.62 10.72
CA LEU B 137 0.29 8.79 9.32
C LEU B 137 0.79 7.59 8.52
N LYS B 138 2.07 7.25 8.70
CA LYS B 138 2.75 6.15 8.01
C LYS B 138 1.99 4.86 8.15
N LEU B 139 1.69 4.51 9.39
CA LEU B 139 0.91 3.32 9.67
C LEU B 139 -0.44 3.32 8.93
N ASN B 140 -1.17 4.43 8.99
CA ASN B 140 -2.44 4.56 8.25
C ASN B 140 -2.29 4.27 6.78
N ILE B 141 -1.27 4.87 6.19
CA ILE B 141 -0.98 4.64 4.77
C ILE B 141 -0.69 3.16 4.52
N LEU B 142 0.20 2.58 5.32
CA LEU B 142 0.57 1.18 5.17
C LEU B 142 -0.60 0.26 5.24
N VAL B 143 -1.45 0.51 6.22
CA VAL B 143 -2.61 -0.29 6.43
C VAL B 143 -3.61 -0.16 5.29
N GLN B 144 -3.86 1.06 4.79
CA GLN B 144 -4.61 1.19 3.53
C GLN B 144 -4.02 0.34 2.40
N TRP B 145 -2.70 0.40 2.23
CA TRP B 145 -2.01 -0.43 1.24
C TRP B 145 -2.23 -1.92 1.44
N ILE B 146 -2.02 -2.41 2.67
CA ILE B 146 -2.21 -3.81 3.02
C ILE B 146 -3.61 -4.23 2.69
N ARG B 147 -4.59 -3.41 3.07
CA ARG B 147 -5.97 -3.71 2.77
C ARG B 147 -6.27 -3.79 1.26
N ASP B 148 -5.76 -2.83 0.50
CA ASP B 148 -5.88 -2.81 -0.99
C ASP B 148 -5.24 -4.10 -1.55
N ARG B 149 -4.04 -4.44 -1.10
CA ARG B 149 -3.40 -5.67 -1.61
C ARG B 149 -4.14 -6.93 -1.25
N PHE B 150 -4.70 -6.96 -0.05
CA PHE B 150 -5.49 -8.10 0.42
C PHE B 150 -6.68 -8.32 -0.52
N ASN B 151 -7.44 -7.27 -0.82
CA ASN B 151 -8.63 -7.37 -1.69
C ASN B 151 -8.27 -7.71 -3.12
N GLU B 152 -7.22 -7.09 -3.64
CA GLU B 152 -6.67 -7.48 -4.92
C GLU B 152 -6.21 -8.97 -4.96
N CYS B 153 -5.41 -9.40 -3.99
CA CYS B 153 -4.90 -10.80 -3.99
C CYS B 153 -6.06 -11.81 -3.91
N LEU B 154 -7.02 -11.48 -3.06
CA LEU B 154 -8.18 -12.30 -2.90
C LEU B 154 -8.98 -12.39 -4.22
N ASP B 155 -9.23 -11.26 -4.90
CA ASP B 155 -9.93 -11.32 -6.18
C ASP B 155 -9.19 -12.16 -7.22
N LYS B 156 -7.88 -11.96 -7.34
CA LYS B 156 -7.06 -12.74 -8.24
C LYS B 156 -7.00 -14.24 -7.91
N ALA B 157 -6.86 -14.56 -6.63
CA ALA B 157 -6.86 -15.96 -6.21
C ALA B 157 -8.20 -16.65 -6.48
N GLU B 158 -9.32 -15.96 -6.25
CA GLU B 158 -10.64 -16.53 -6.56
C GLU B 158 -10.80 -16.76 -8.05
N PHE B 159 -10.40 -15.78 -8.83
CA PHE B 159 -10.40 -15.95 -10.26
C PHE B 159 -9.61 -17.20 -10.59
N LEU B 160 -8.38 -17.32 -10.09
CA LEU B 160 -7.53 -18.48 -10.41
C LEU B 160 -8.10 -19.82 -9.93
N ARG B 161 -8.78 -19.81 -8.79
CA ARG B 161 -9.33 -21.06 -8.25
C ARG B 161 -10.42 -21.56 -9.17
N LEU B 162 -11.12 -20.60 -9.76
CA LEU B 162 -12.27 -20.88 -10.62
C LEU B 162 -11.78 -21.33 -11.98
N LYS B 163 -10.74 -20.66 -12.47
CA LYS B 163 -10.09 -21.10 -13.70
C LYS B 163 -9.58 -22.53 -13.51
N LEU B 164 -9.01 -22.83 -12.36
CA LEU B 164 -8.47 -24.18 -12.12
C LEU B 164 -9.55 -25.30 -12.12
N HIS B 165 -10.69 -25.05 -11.47
CA HIS B 165 -11.86 -25.94 -11.57
C HIS B 165 -12.28 -26.21 -13.00
N THR B 166 -12.30 -25.15 -13.80
CA THR B 166 -12.63 -25.26 -15.22
C THR B 166 -11.68 -26.23 -15.95
N LEU B 167 -10.38 -26.01 -15.78
CA LEU B 167 -9.33 -26.78 -16.45
C LEU B 167 -9.28 -28.25 -15.99
N ASN B 168 -9.48 -28.49 -14.70
CA ASN B 168 -9.47 -29.84 -14.17
C ASN B 168 -10.71 -30.65 -14.62
N GLN B 169 -11.75 -29.94 -15.08
CA GLN B 169 -12.94 -30.53 -15.69
C GLN B 169 -12.91 -30.63 -17.22
N SER B 170 -12.26 -29.67 -17.87
CA SER B 170 -12.35 -29.48 -19.34
C SER B 170 -11.19 -30.10 -20.10
N GLU B 171 -10.07 -30.33 -19.41
CA GLU B 171 -8.97 -31.14 -19.92
C GLU B 171 -8.95 -32.44 -19.11
N ASP B 172 -8.43 -33.50 -19.73
CA ASP B 172 -8.47 -34.85 -19.16
C ASP B 172 -7.77 -34.96 -17.81
N VAL B 175 -4.17 -38.78 -15.41
CA VAL B 175 -2.90 -38.07 -15.27
C VAL B 175 -3.03 -36.83 -14.35
N LEU B 176 -4.24 -36.54 -13.89
CA LEU B 176 -4.46 -35.56 -12.82
C LEU B 176 -3.85 -36.09 -11.52
N ASP B 177 -3.98 -37.39 -11.30
CA ASP B 177 -3.38 -38.07 -10.17
C ASP B 177 -1.84 -38.02 -10.26
N ASP B 178 -1.32 -38.16 -11.47
CA ASP B 178 0.13 -38.29 -11.70
C ASP B 178 0.90 -36.96 -11.60
N GLU B 179 0.27 -35.83 -11.91
CA GLU B 179 0.98 -34.54 -11.94
C GLU B 179 1.84 -34.35 -10.68
N PRO B 180 3.08 -33.85 -10.87
CA PRO B 180 3.94 -33.61 -9.70
C PRO B 180 3.29 -32.55 -8.80
N THR B 181 3.33 -32.72 -7.48
CA THR B 181 2.66 -31.80 -6.58
C THR B 181 3.46 -30.51 -6.49
N ILE B 182 2.77 -29.39 -6.65
CA ILE B 182 3.40 -28.10 -6.60
C ILE B 182 3.29 -27.62 -5.19
N PHE B 183 4.45 -27.32 -4.60
CA PHE B 183 4.58 -26.80 -3.26
C PHE B 183 5.00 -25.34 -3.36
N VAL B 184 4.29 -24.48 -2.64
CA VAL B 184 4.65 -23.07 -2.61
C VAL B 184 6.07 -22.90 -2.01
N GLU B 185 6.49 -23.78 -1.12
CA GLU B 185 7.76 -23.48 -0.48
C GLU B 185 8.93 -23.74 -1.42
N LYS B 186 8.75 -24.67 -2.35
CA LYS B 186 9.73 -24.90 -3.40
C LYS B 186 9.83 -23.73 -4.37
N LEU B 187 8.69 -23.20 -4.80
CA LEU B 187 8.61 -21.93 -5.54
C LEU B 187 9.39 -20.81 -4.87
N ILE B 188 9.12 -20.55 -3.61
CA ILE B 188 9.81 -19.46 -2.91
C ILE B 188 11.32 -19.71 -2.83
N TYR B 189 11.68 -20.93 -2.43
CA TYR B 189 13.10 -21.34 -2.26
C TYR B 189 13.91 -21.20 -3.53
N ASP B 190 13.45 -21.82 -4.60
CA ASP B 190 14.10 -21.73 -5.93
C ASP B 190 14.21 -20.29 -6.41
N ARG B 191 13.12 -19.53 -6.23
CA ARG B 191 13.10 -18.16 -6.70
C ARG B 191 14.08 -17.30 -5.90
N ALA B 192 14.10 -17.45 -4.59
CA ALA B 192 15.04 -16.67 -3.76
C ALA B 192 16.53 -16.95 -4.11
N LEU B 193 16.87 -18.21 -4.33
CA LEU B 193 18.24 -18.61 -4.66
C LEU B 193 18.62 -18.19 -6.07
N ASP B 194 17.69 -18.24 -7.04
CA ASP B 194 17.94 -17.68 -8.37
C ASP B 194 18.26 -16.20 -8.31
N ILE B 195 17.47 -15.45 -7.57
CA ILE B 195 17.68 -14.01 -7.44
C ILE B 195 19.07 -13.70 -6.86
N SER B 196 19.48 -14.43 -5.80
CA SER B 196 20.80 -14.22 -5.22
C SER B 196 21.95 -14.70 -6.13
N ARG B 197 21.72 -15.81 -6.85
CA ARG B 197 22.68 -16.30 -7.79
C ARG B 197 22.90 -15.28 -8.89
N ASN B 198 21.81 -14.79 -9.49
CA ASN B 198 21.91 -13.69 -10.46
C ASN B 198 22.55 -12.40 -9.88
N ALA B 199 22.26 -12.06 -8.63
CA ALA B 199 22.87 -10.86 -8.03
C ALA B 199 24.39 -10.95 -7.91
N ALA B 200 24.88 -12.14 -7.58
CA ALA B 200 26.29 -12.41 -7.41
C ALA B 200 27.07 -12.41 -8.74
N ARG B 201 26.49 -13.01 -9.80
CA ARG B 201 27.05 -12.91 -11.15
C ARG B 201 27.08 -11.45 -11.58
N LEU B 202 26.01 -10.72 -11.30
CA LEU B 202 25.96 -9.30 -11.58
C LEU B 202 27.08 -8.56 -10.84
N GLU B 203 27.17 -8.82 -9.54
CA GLU B 203 28.15 -8.16 -8.68
C GLU B 203 29.56 -8.36 -9.24
N MET B 204 29.88 -9.56 -9.73
CA MET B 204 31.21 -9.83 -10.26
C MET B 204 31.45 -9.25 -11.68
N GLU B 205 30.39 -8.87 -12.38
CA GLU B 205 30.53 -8.20 -13.67
C GLU B 205 30.60 -6.67 -13.54
N GLY B 206 30.82 -6.16 -12.32
CA GLY B 206 30.90 -4.72 -12.07
C GLY B 206 29.55 -4.02 -12.12
N GLY B 207 28.49 -4.78 -11.98
CA GLY B 207 27.15 -4.25 -12.14
C GLY B 207 26.80 -3.29 -11.04
N ASN B 208 25.64 -2.65 -11.19
CA ASN B 208 25.19 -1.64 -10.25
C ASN B 208 24.96 -2.21 -8.85
N TYR B 209 25.63 -1.63 -7.86
CA TYR B 209 25.58 -2.16 -6.50
C TYR B 209 24.21 -2.09 -5.84
N ASN B 210 23.45 -1.04 -6.10
CA ASN B 210 22.12 -0.92 -5.54
C ASN B 210 21.26 -2.06 -6.02
N THR B 211 21.38 -2.37 -7.31
CA THR B 211 20.62 -3.45 -7.94
C THR B 211 20.92 -4.74 -7.21
N CYS B 212 22.21 -4.99 -6.99
CA CYS B 212 22.64 -6.18 -6.26
C CYS B 212 22.11 -6.22 -4.83
N GLU B 213 22.10 -5.06 -4.17
CA GLU B 213 21.67 -4.95 -2.77
C GLU B 213 20.22 -5.30 -2.60
N LEU B 214 19.39 -4.77 -3.48
CA LEU B 214 17.97 -5.02 -3.45
C LEU B 214 17.66 -6.47 -3.76
N ALA B 215 18.39 -7.08 -4.70
CA ALA B 215 18.21 -8.50 -4.99
C ALA B 215 18.51 -9.36 -3.76
N TYR B 216 19.68 -9.20 -3.14
CA TYR B 216 19.95 -9.99 -1.94
C TYR B 216 18.87 -9.77 -0.88
N ALA B 217 18.46 -8.51 -0.66
CA ALA B 217 17.48 -8.22 0.38
C ALA B 217 16.16 -8.94 0.03
N THR B 218 15.83 -8.94 -1.26
CA THR B 218 14.64 -9.65 -1.74
C THR B 218 14.69 -11.13 -1.45
N SER B 219 15.82 -11.78 -1.75
CA SER B 219 15.99 -13.20 -1.41
C SER B 219 15.84 -13.46 0.06
N LEU B 220 16.34 -12.54 0.88
CA LEU B 220 16.30 -12.74 2.30
C LEU B 220 14.87 -12.58 2.80
N TRP B 221 14.16 -11.57 2.33
CA TRP B 221 12.75 -11.46 2.71
C TRP B 221 12.00 -12.73 2.39
N MET B 222 12.25 -13.28 1.20
CA MET B 222 11.58 -14.51 0.74
C MET B 222 11.85 -15.70 1.62
N LEU B 223 13.12 -15.93 1.93
CA LEU B 223 13.49 -17.06 2.76
C LEU B 223 13.07 -16.89 4.22
N GLU B 224 13.02 -15.67 4.71
CA GLU B 224 12.53 -15.47 6.09
C GLU B 224 11.08 -15.88 6.24
N ILE B 225 10.31 -15.71 5.16
CA ILE B 225 8.94 -16.18 5.17
C ILE B 225 8.90 -17.65 5.55
N LEU B 226 9.84 -18.42 5.00
CA LEU B 226 9.87 -19.86 5.20
C LEU B 226 10.38 -20.27 6.58
N LEU B 227 11.06 -19.38 7.27
CA LEU B 227 11.57 -19.63 8.61
C LEU B 227 10.69 -18.99 9.66
N ASP B 228 9.67 -18.24 9.25
CA ASP B 228 8.80 -17.59 10.20
C ASP B 228 7.62 -18.51 10.53
N GLU B 229 7.49 -18.82 11.82
CA GLU B 229 6.47 -19.75 12.28
C GLU B 229 5.05 -19.30 11.96
N HIS B 230 4.77 -18.01 12.06
CA HIS B 230 3.44 -17.51 11.72
C HIS B 230 3.22 -17.39 10.20
N LEU B 231 4.25 -17.61 9.36
CA LEU B 231 4.13 -17.40 7.90
C LEU B 231 4.50 -18.63 7.05
N SER B 232 5.24 -19.58 7.63
CA SER B 232 5.76 -20.72 6.93
C SER B 232 4.77 -21.87 6.84
N SER B 233 3.65 -21.76 7.52
CA SER B 233 2.57 -22.73 7.36
C SER B 233 1.92 -22.69 5.98
N ASN B 234 1.54 -23.86 5.46
CA ASN B 234 1.09 -23.99 4.09
C ASN B 234 -0.42 -23.87 4.03
N GLU B 235 -0.89 -22.93 3.21
CA GLU B 235 -2.28 -22.60 3.26
C GLU B 235 -3.22 -23.60 2.55
N VAL B 236 -2.69 -24.60 1.87
CA VAL B 236 -3.57 -25.62 1.29
C VAL B 236 -3.60 -26.85 2.18
N TYR B 237 -2.80 -26.88 3.24
CA TYR B 237 -2.81 -28.01 4.20
C TYR B 237 -3.45 -27.60 5.50
N ASP B 238 -4.78 -27.60 5.51
CA ASP B 238 -5.56 -27.16 6.66
C ASP B 238 -5.78 -28.36 7.59
N ASP B 239 -5.68 -28.07 8.87
CA ASP B 239 -5.88 -29.03 10.00
C ASP B 239 -7.25 -29.73 10.08
N GLY B 240 -8.30 -29.05 9.66
CA GLY B 240 -9.67 -29.43 10.09
C GLY B 240 -10.07 -28.70 11.38
N TYR B 241 -9.15 -27.90 11.90
CA TYR B 241 -9.33 -27.09 13.09
C TYR B 241 -8.93 -25.70 12.71
N SER B 242 -8.91 -25.44 11.42
CA SER B 242 -8.58 -24.14 10.92
C SER B 242 -7.09 -23.79 11.13
N SER B 243 -6.22 -24.78 11.33
CA SER B 243 -4.78 -24.52 11.33
C SER B 243 -4.09 -25.04 10.07
N ASN B 244 -3.22 -24.23 9.55
CA ASN B 244 -2.36 -24.63 8.45
C ASN B 244 -1.11 -25.24 9.00
N ILE B 245 -0.61 -26.23 8.28
CA ILE B 245 0.44 -27.07 8.76
C ILE B 245 1.71 -26.76 7.95
N THR B 246 2.86 -26.74 8.63
CA THR B 246 4.11 -26.55 7.93
C THR B 246 4.46 -27.84 7.24
N SER B 247 4.91 -27.70 6.01
CA SER B 247 5.14 -28.81 5.10
C SER B 247 6.64 -29.11 4.99
N LEU B 248 7.45 -28.18 5.47
CA LEU B 248 8.88 -28.31 5.47
C LEU B 248 9.24 -29.27 6.60
N ASP B 249 10.26 -30.09 6.37
CA ASP B 249 10.90 -30.84 7.47
C ASP B 249 12.09 -30.06 8.05
N GLU B 250 12.65 -30.61 9.12
CA GLU B 250 13.71 -29.92 9.88
C GLU B 250 14.99 -29.71 9.07
N SER B 251 15.36 -30.69 8.24
CA SER B 251 16.56 -30.56 7.40
C SER B 251 16.35 -29.50 6.33
N ASP B 252 15.10 -29.28 5.93
CA ASP B 252 14.80 -28.17 5.02
C ASP B 252 15.04 -26.85 5.73
N LYS B 253 14.48 -26.71 6.93
CA LYS B 253 14.64 -25.50 7.71
C LYS B 253 16.11 -25.20 7.99
N GLU B 254 16.87 -26.24 8.31
CA GLU B 254 18.30 -26.07 8.54
C GLU B 254 19.06 -25.67 7.27
N MET B 255 18.73 -26.26 6.13
CA MET B 255 19.30 -25.84 4.86
C MET B 255 18.96 -24.37 4.50
N ILE B 256 17.70 -23.98 4.67
CA ILE B 256 17.25 -22.60 4.43
C ILE B 256 17.96 -21.64 5.39
N ARG B 257 18.09 -22.05 6.64
CA ARG B 257 18.87 -21.26 7.60
C ARG B 257 20.30 -20.99 7.10
N LYS B 258 20.93 -22.00 6.51
CA LYS B 258 22.29 -21.85 6.01
C LYS B 258 22.33 -20.81 4.89
N TYR B 259 21.46 -20.97 3.91
CA TYR B 259 21.34 -19.99 2.81
C TYR B 259 21.06 -18.58 3.29
N VAL B 260 20.19 -18.44 4.27
CA VAL B 260 19.93 -17.12 4.86
C VAL B 260 21.22 -16.51 5.38
N SER B 261 22.00 -17.31 6.09
CA SER B 261 23.28 -16.87 6.63
C SER B 261 24.23 -16.38 5.58
N SER B 262 24.43 -17.17 4.54
CA SER B 262 25.38 -16.80 3.49
C SER B 262 24.90 -15.62 2.66
N ILE B 263 23.58 -15.55 2.39
CA ILE B 263 23.08 -14.41 1.65
C ILE B 263 23.24 -13.14 2.47
N ALA B 264 22.87 -13.18 3.74
CA ALA B 264 23.06 -12.01 4.60
C ALA B 264 24.54 -11.59 4.60
N ASN B 265 25.42 -12.57 4.64
CA ASN B 265 26.85 -12.26 4.70
C ASN B 265 27.33 -11.66 3.38
N ARG B 266 26.80 -12.14 2.27
CA ARG B 266 27.08 -11.55 0.97
C ARG B 266 26.61 -10.09 0.93
N LEU B 267 25.41 -9.84 1.46
CA LEU B 267 24.86 -8.50 1.49
C LEU B 267 25.73 -7.54 2.35
N LYS B 268 26.19 -8.00 3.51
CA LYS B 268 27.06 -7.19 4.37
C LYS B 268 28.39 -6.84 3.68
N ALA B 269 28.99 -7.83 3.03
CA ALA B 269 30.24 -7.60 2.27
C ALA B 269 30.01 -6.53 1.22
N LEU B 270 28.94 -6.71 0.46
CA LEU B 270 28.60 -5.75 -0.57
C LEU B 270 28.41 -4.35 0.01
N LYS B 271 27.73 -4.24 1.14
CA LYS B 271 27.53 -2.92 1.77
C LYS B 271 28.84 -2.27 2.20
N SER B 272 29.79 -3.09 2.62
CA SER B 272 31.11 -2.60 2.99
C SER B 272 31.80 -1.96 1.81
N LYS B 273 31.73 -2.61 0.66
CA LYS B 273 32.31 -2.10 -0.57
C LYS B 273 31.68 -0.79 -1.06
N MET B 274 30.39 -0.57 -0.86
CA MET B 274 29.77 0.67 -1.35
C MET B 274 29.80 1.86 -0.35
N SER B 275 30.47 1.68 0.79
CA SER B 275 30.48 2.70 1.86
C SER B 275 31.88 3.25 2.11
N LEU C 7 -1.26 27.22 26.67
CA LEU C 7 -2.49 26.39 26.42
C LEU C 7 -3.73 27.25 26.16
N LEU C 8 -3.96 28.24 27.03
CA LEU C 8 -5.07 29.17 26.84
C LEU C 8 -4.81 30.15 25.70
N GLU C 9 -3.60 30.73 25.63
CA GLU C 9 -3.17 31.51 24.45
C GLU C 9 -3.47 30.77 23.13
N PHE C 10 -3.24 29.47 23.13
CA PHE C 10 -3.49 28.64 21.97
C PHE C 10 -5.00 28.53 21.70
N VAL C 11 -5.79 28.20 22.72
CA VAL C 11 -7.25 28.08 22.56
C VAL C 11 -7.86 29.41 22.11
N LYS C 12 -7.41 30.50 22.73
CA LYS C 12 -7.83 31.85 22.36
C LYS C 12 -7.56 32.18 20.90
N LEU C 13 -6.32 31.99 20.45
CA LEU C 13 -5.91 32.32 19.08
C LEU C 13 -6.78 31.59 18.06
N LEU C 14 -7.01 30.29 18.30
CA LEU C 14 -7.85 29.44 17.44
C LEU C 14 -9.32 29.85 17.50
N GLU C 15 -9.80 30.18 18.71
CA GLU C 15 -11.15 30.73 18.88
C GLU C 15 -11.28 32.10 18.22
N ASP C 16 -10.17 32.86 18.22
CA ASP C 16 -10.10 34.24 17.73
C ASP C 16 -9.80 34.38 16.23
N LYS C 17 -9.72 33.26 15.52
CA LYS C 17 -9.27 33.22 14.11
C LYS C 17 -10.05 34.19 13.20
N LYS C 18 -9.33 34.82 12.27
CA LYS C 18 -9.95 35.61 11.19
C LYS C 18 -10.05 34.75 9.94
N GLU C 19 -11.06 35.04 9.11
CA GLU C 19 -11.27 34.30 7.87
C GLU C 19 -10.38 34.80 6.76
N LEU C 20 -10.21 33.95 5.74
CA LEU C 20 -9.47 34.28 4.54
C LEU C 20 -10.27 35.23 3.69
N ASN C 21 -9.59 35.94 2.80
CA ASN C 21 -10.25 36.79 1.81
C ASN C 21 -9.88 36.35 0.40
N MET C 22 -10.74 35.55 -0.24
CA MET C 22 -10.57 35.22 -1.66
C MET C 22 -11.18 36.33 -2.52
N LYS C 23 -10.39 36.87 -3.44
CA LYS C 23 -10.75 38.06 -4.22
C LYS C 23 -12.22 38.05 -4.69
N ASP C 32 -14.68 23.54 -15.77
CA ASP C 32 -13.52 23.33 -14.93
C ASP C 32 -13.58 21.98 -14.24
N ILE C 33 -14.57 21.78 -13.35
CA ILE C 33 -14.71 20.52 -12.61
C ILE C 33 -14.80 19.38 -13.61
N SER C 34 -15.77 19.50 -14.51
CA SER C 34 -15.98 18.55 -15.61
C SER C 34 -14.71 18.19 -16.37
N SER C 35 -13.92 19.22 -16.69
CA SER C 35 -12.73 19.04 -17.50
C SER C 35 -11.59 18.49 -16.66
N SER C 36 -11.49 18.94 -15.41
CA SER C 36 -10.52 18.39 -14.49
C SER C 36 -10.66 16.89 -14.37
N LEU C 37 -11.90 16.40 -14.28
CA LEU C 37 -12.15 14.96 -14.12
C LEU C 37 -11.72 14.14 -15.34
N ILE C 38 -11.83 14.74 -16.51
CA ILE C 38 -11.44 14.13 -17.77
C ILE C 38 -9.92 13.99 -17.88
N LYS C 39 -9.21 15.03 -17.48
CA LYS C 39 -7.76 14.96 -17.41
C LYS C 39 -7.31 13.90 -16.39
N PHE C 40 -7.96 13.85 -15.24
CA PHE C 40 -7.61 12.81 -14.27
C PHE C 40 -7.89 11.43 -14.83
N GLN C 41 -9.05 11.25 -15.44
CA GLN C 41 -9.42 9.97 -15.98
C GLN C 41 -8.41 9.54 -17.02
N SER C 42 -7.94 10.51 -17.79
CA SER C 42 -6.92 10.29 -18.78
C SER C 42 -5.58 9.80 -18.22
N MET C 43 -5.28 10.10 -16.97
CA MET C 43 -4.02 9.67 -16.38
C MET C 43 -3.98 8.21 -15.97
N LYS C 44 -5.16 7.62 -15.82
CA LYS C 44 -5.28 6.32 -15.20
C LYS C 44 -4.39 5.26 -15.84
N PRO C 45 -4.43 5.13 -17.19
CA PRO C 45 -3.51 4.17 -17.79
C PRO C 45 -2.05 4.46 -17.42
N ASN C 46 -1.66 5.73 -17.41
CA ASN C 46 -0.28 6.12 -17.10
C ASN C 46 0.11 5.77 -15.67
N ASN C 47 -0.83 5.84 -14.74
CA ASN C 47 -0.58 5.45 -13.36
C ASN C 47 -0.20 3.97 -13.27
N ASP C 48 -0.91 3.11 -13.99
CA ASP C 48 -0.65 1.67 -14.00
C ASP C 48 0.68 1.36 -14.59
N THR C 49 0.96 1.96 -15.74
CA THR C 49 2.19 1.71 -16.43
C THR C 49 3.38 2.07 -15.59
N LEU C 50 3.31 3.23 -14.95
CA LEU C 50 4.38 3.67 -14.11
C LEU C 50 4.64 2.72 -12.92
N SER C 51 3.57 2.34 -12.22
CA SER C 51 3.68 1.41 -11.07
C SER C 51 4.27 0.10 -11.55
N ASP C 52 3.78 -0.39 -12.68
CA ASP C 52 4.34 -1.58 -13.26
C ASP C 52 5.81 -1.44 -13.65
N ASN C 53 6.19 -0.28 -14.20
CA ASN C 53 7.60 -0.04 -14.57
C ASN C 53 8.44 0.00 -13.30
N LEU C 54 7.92 0.58 -12.22
CA LEU C 54 8.72 0.59 -10.98
C LEU C 54 8.92 -0.84 -10.44
N SER C 55 7.88 -1.68 -10.48
CA SER C 55 7.98 -3.07 -9.97
C SER C 55 8.91 -3.91 -10.80
N MET C 56 8.76 -3.85 -12.12
CA MET C 56 9.63 -4.60 -13.02
C MET C 56 11.10 -4.30 -12.79
N SER C 57 11.43 -3.07 -12.40
CA SER C 57 12.84 -2.74 -12.12
C SER C 57 13.34 -3.45 -10.84
N MET C 58 12.43 -3.81 -9.94
CA MET C 58 12.81 -4.41 -8.65
C MET C 58 13.35 -5.82 -8.80
N SER C 59 13.20 -6.39 -10.00
CA SER C 59 13.60 -7.77 -10.26
C SER C 59 14.87 -7.83 -11.11
N ILE C 60 15.82 -8.62 -10.62
CA ILE C 60 17.08 -8.80 -11.31
C ILE C 60 16.89 -9.34 -12.75
N ASP C 61 15.83 -10.14 -12.97
CA ASP C 61 15.65 -10.85 -14.25
C ASP C 61 14.23 -10.73 -14.80
N GLU D 5 37.13 -14.04 -4.84
CA GLU D 5 37.35 -15.31 -4.08
C GLU D 5 36.04 -15.80 -3.49
N ASP D 6 35.42 -14.93 -2.70
CA ASP D 6 34.17 -15.25 -2.04
C ASP D 6 33.01 -15.33 -3.01
N LEU D 7 32.92 -14.36 -3.91
CA LEU D 7 31.83 -14.35 -4.89
C LEU D 7 31.72 -15.70 -5.57
N LEU D 8 32.86 -16.21 -6.02
CA LEU D 8 32.95 -17.52 -6.66
C LEU D 8 32.48 -18.67 -5.78
N GLU D 9 32.80 -18.61 -4.49
CA GLU D 9 32.39 -19.65 -3.55
C GLU D 9 30.88 -19.55 -3.34
N PHE D 10 30.39 -18.33 -3.20
CA PHE D 10 28.99 -18.09 -2.99
C PHE D 10 28.16 -18.53 -4.20
N VAL D 11 28.63 -18.21 -5.40
CA VAL D 11 27.93 -18.61 -6.63
C VAL D 11 27.85 -20.13 -6.69
N LYS D 12 29.00 -20.78 -6.49
CA LYS D 12 29.10 -22.24 -6.49
C LYS D 12 28.14 -22.87 -5.49
N LEU D 13 28.12 -22.34 -4.27
CA LEU D 13 27.22 -22.86 -3.23
C LEU D 13 25.77 -22.83 -3.70
N LEU D 14 25.39 -21.72 -4.32
CA LEU D 14 24.03 -21.54 -4.81
C LEU D 14 23.72 -22.50 -5.96
N GLU D 15 24.65 -22.60 -6.92
CA GLU D 15 24.49 -23.52 -8.06
C GLU D 15 24.40 -24.98 -7.61
N ASP D 16 25.07 -25.30 -6.50
CA ASP D 16 25.05 -26.66 -5.96
C ASP D 16 23.81 -26.99 -5.10
N LYS D 17 22.82 -26.11 -5.04
CA LYS D 17 21.71 -26.28 -4.11
C LYS D 17 20.82 -27.52 -4.37
N LYS D 18 20.39 -28.16 -3.29
CA LYS D 18 19.55 -29.32 -3.38
C LYS D 18 18.11 -28.89 -3.20
N GLU D 19 17.19 -29.63 -3.79
CA GLU D 19 15.79 -29.31 -3.71
C GLU D 19 15.33 -29.73 -2.32
N LEU D 20 14.25 -29.13 -1.86
CA LEU D 20 13.77 -29.35 -0.52
C LEU D 20 13.19 -30.76 -0.46
N ASN D 21 13.31 -31.41 0.69
CA ASN D 21 12.72 -32.73 0.83
C ASN D 21 11.20 -32.62 1.03
N MET D 22 10.79 -31.79 1.97
CA MET D 22 9.38 -31.71 2.41
C MET D 22 9.03 -32.94 3.25
N LYS D 23 7.81 -32.94 3.76
CA LYS D 23 7.24 -34.06 4.48
C LYS D 23 6.45 -34.90 3.52
N PRO D 24 6.44 -36.22 3.75
CA PRO D 24 5.62 -37.09 2.93
C PRO D 24 4.16 -36.72 3.10
N SER D 25 3.39 -36.83 2.02
CA SER D 25 1.94 -36.66 2.07
C SER D 25 1.29 -37.44 3.22
N THR D 26 1.84 -38.59 3.53
CA THR D 26 1.32 -39.43 4.60
C THR D 26 1.21 -38.73 5.95
N ILE D 27 2.07 -37.75 6.22
CA ILE D 27 2.00 -37.06 7.50
C ILE D 27 1.48 -35.64 7.35
N LEU D 28 0.80 -35.34 6.24
CA LEU D 28 0.15 -34.04 6.05
C LEU D 28 -1.34 -34.28 5.78
N PRO D 29 -2.19 -33.28 6.08
CA PRO D 29 -3.57 -33.38 5.60
C PRO D 29 -3.64 -33.38 4.07
N GLN D 30 -4.82 -33.67 3.53
CA GLN D 30 -5.06 -33.58 2.10
C GLN D 30 -5.02 -32.12 1.72
N GLN D 31 -4.73 -31.83 0.45
CA GLN D 31 -4.52 -30.45 0.04
C GLN D 31 -5.89 -29.87 -0.30
N ASP D 32 -6.15 -28.62 0.09
CA ASP D 32 -7.49 -27.99 -0.01
C ASP D 32 -7.46 -26.49 -0.36
N ILE D 33 -7.58 -26.16 -1.65
CA ILE D 33 -7.46 -24.75 -2.07
C ILE D 33 -8.59 -23.87 -1.56
N SER D 34 -9.78 -24.44 -1.45
CA SER D 34 -10.98 -23.66 -1.21
C SER D 34 -11.08 -23.14 0.22
N SER D 35 -10.53 -23.88 1.17
CA SER D 35 -10.71 -23.59 2.60
C SER D 35 -9.93 -22.35 3.01
N SER D 36 -8.76 -22.18 2.44
CA SER D 36 -7.98 -20.96 2.70
C SER D 36 -8.68 -19.70 2.15
N LEU D 37 -9.24 -19.79 0.95
CA LEU D 37 -10.00 -18.68 0.36
C LEU D 37 -11.17 -18.26 1.24
N ILE D 38 -11.91 -19.23 1.74
CA ILE D 38 -13.06 -18.95 2.62
C ILE D 38 -12.62 -18.16 3.85
N LYS D 39 -11.57 -18.63 4.52
CA LYS D 39 -11.04 -17.94 5.69
C LYS D 39 -10.64 -16.50 5.36
N PHE D 40 -9.93 -16.30 4.26
CA PHE D 40 -9.49 -14.95 3.91
C PHE D 40 -10.67 -14.05 3.64
N GLN D 41 -11.66 -14.57 2.94
CA GLN D 41 -12.85 -13.82 2.61
C GLN D 41 -13.53 -13.33 3.91
N SER D 42 -13.52 -14.16 4.95
CA SER D 42 -14.21 -13.79 6.19
C SER D 42 -13.46 -12.73 7.01
N MET D 43 -12.19 -12.49 6.70
CA MET D 43 -11.46 -11.38 7.34
C MET D 43 -11.83 -9.97 6.81
N LYS D 44 -12.30 -9.87 5.56
CA LYS D 44 -12.56 -8.56 4.91
C LYS D 44 -13.24 -7.46 5.75
N PRO D 45 -14.33 -7.80 6.46
CA PRO D 45 -14.98 -6.75 7.24
C PRO D 45 -14.11 -6.25 8.39
N ASN D 46 -13.39 -7.16 9.04
CA ASN D 46 -12.43 -6.79 10.08
C ASN D 46 -11.30 -5.90 9.52
N ASN D 47 -10.86 -6.19 8.30
CA ASN D 47 -9.88 -5.33 7.63
C ASN D 47 -10.38 -3.92 7.35
N ASP D 48 -11.61 -3.81 6.86
CA ASP D 48 -12.21 -2.49 6.57
C ASP D 48 -12.42 -1.72 7.86
N THR D 49 -13.04 -2.39 8.82
CA THR D 49 -13.27 -1.83 10.14
C THR D 49 -11.99 -1.27 10.74
N LEU D 50 -10.95 -2.10 10.76
CA LEU D 50 -9.68 -1.69 11.32
C LEU D 50 -9.12 -0.42 10.63
N SER D 51 -9.19 -0.38 9.30
CA SER D 51 -8.61 0.76 8.54
C SER D 51 -9.35 2.06 8.80
N ASP D 52 -10.67 1.97 8.97
CA ASP D 52 -11.51 3.15 9.29
C ASP D 52 -11.28 3.66 10.72
N ASN D 53 -11.13 2.72 11.64
CA ASN D 53 -10.72 3.04 12.99
C ASN D 53 -9.40 3.81 13.05
N LEU D 54 -8.41 3.38 12.28
CA LEU D 54 -7.13 4.12 12.23
C LEU D 54 -7.29 5.53 11.63
N SER D 55 -8.09 5.64 10.57
CA SER D 55 -8.30 6.90 9.87
C SER D 55 -9.06 7.89 10.75
N MET D 56 -10.16 7.42 11.31
CA MET D 56 -10.95 8.24 12.21
C MET D 56 -10.12 8.73 13.41
N SER D 57 -9.17 7.90 13.83
CA SER D 57 -8.17 8.32 14.83
C SER D 57 -6.91 8.79 14.12
#